data_5LHR
#
_entry.id   5LHR
#
_cell.length_a   48.095
_cell.length_b   66.506
_cell.length_c   57.027
_cell.angle_alpha   90.00
_cell.angle_beta   91.38
_cell.angle_gamma   90.00
#
_symmetry.space_group_name_H-M   'P 1 21 1'
#
loop_
_entity.id
_entity.type
_entity.pdbx_description
1 polymer 'Urokinase-type plasminogen activator'
2 polymer 'Camelid-Derived Antibody Fragment Nb22'
3 water water
#
loop_
_entity_poly.entity_id
_entity_poly.type
_entity_poly.pdbx_seq_one_letter_code
_entity_poly.pdbx_strand_id
1 'polypeptide(L)'
;IVGGEFTEVENQPWFAAIYQKNKGGSPPSFKCGGSLISPCWVASAAHCFIQLPKKENYVVYLGQSKESSYNPGEMKFEVE
QLILHEYYREDSLAYHNDIALLKIRTSTGQCAQPSRSIQTIALPPRFTDAPFGSDCEITGFGKESESDYLYPKNLKMSVV
KLVSHEQCMQPHYYGSEINYKMLCAADPEWKTDSCKGDSGGPLICNIEGRPTLSGIVSWGRGCAEKNKPGVYTRVSHFLD
WIQSHIG
;
A
2 'polypeptide(L)'
;QVQLQESGGGLVQAGGSLRLSCAASGRTFSSYVMGWFRQAPGKEREFVAAISWSGGSTNYADSVKGRFTISRDNAKNTVY
LQMNSLKPEDTAVYYCAADLASSRDVSSWYWGQGTQVTVSSAAAYPYDVPDYGSHHHHHH
;
B
#
# COMPACT_ATOMS: atom_id res chain seq x y z
N ILE A 1 -4.04 -5.85 0.66
CA ILE A 1 -4.04 -6.83 1.75
C ILE A 1 -3.45 -8.15 1.31
N VAL A 2 -2.54 -8.69 2.12
CA VAL A 2 -2.06 -10.05 1.94
C VAL A 2 -2.99 -10.98 2.71
N GLY A 3 -3.38 -12.09 2.08
CA GLY A 3 -4.34 -12.98 2.70
C GLY A 3 -5.72 -12.37 2.71
N GLY A 4 -6.57 -12.85 3.59
CA GLY A 4 -7.95 -12.36 3.66
C GLY A 4 -8.72 -12.73 2.40
N GLU A 5 -9.81 -12.00 2.14
CA GLU A 5 -10.67 -12.33 1.01
C GLU A 5 -11.10 -11.09 0.24
N PHE A 6 -11.45 -11.29 -1.03
CA PHE A 6 -12.23 -10.30 -1.75
C PHE A 6 -13.53 -10.10 -0.99
N THR A 7 -14.04 -8.87 -0.97
CA THR A 7 -15.25 -8.59 -0.21
C THR A 7 -16.06 -7.46 -0.84
N GLU A 8 -17.33 -7.39 -0.45
CA GLU A 8 -18.19 -6.28 -0.86
C GLU A 8 -18.10 -5.17 0.19
N VAL A 9 -18.37 -3.95 -0.24
CA VAL A 9 -18.39 -2.81 0.68
C VAL A 9 -19.48 -2.90 1.73
N GLU A 10 -20.45 -3.78 1.52
CA GLU A 10 -21.51 -3.96 2.51
C GLU A 10 -20.90 -4.44 3.83
N ASN A 11 -19.82 -5.20 3.73
CA ASN A 11 -19.11 -5.66 4.91
C ASN A 11 -18.29 -4.56 5.57
N GLN A 12 -17.96 -3.51 4.80
CA GLN A 12 -17.15 -2.40 5.29
C GLN A 12 -17.59 -1.06 4.72
N PRO A 13 -18.82 -0.64 5.04
CA PRO A 13 -19.49 0.50 4.38
C PRO A 13 -18.84 1.85 4.65
N TRP A 14 -17.85 1.87 5.54
CA TRP A 14 -17.17 3.11 5.92
C TRP A 14 -15.95 3.35 5.06
N PHE A 15 -15.58 2.39 4.22
CA PHE A 15 -14.35 2.51 3.44
C PHE A 15 -14.45 3.63 2.41
N ALA A 16 -13.47 4.53 2.46
CA ALA A 16 -13.40 5.64 1.50
C ALA A 16 -12.24 5.41 0.54
N ALA A 17 -12.54 5.42 -0.75
CA ALA A 17 -11.51 5.27 -1.78
C ALA A 17 -11.04 6.65 -2.23
N ILE A 18 -9.79 6.98 -1.90
CA ILE A 18 -9.27 8.31 -2.24
C ILE A 18 -8.40 8.25 -3.49
N TYR A 19 -8.79 9.02 -4.50
CA TYR A 19 -8.07 9.07 -5.76
C TYR A 19 -7.36 10.42 -5.95
N GLN A 20 -6.24 10.38 -6.66
CA GLN A 20 -5.47 11.57 -6.99
C GLN A 20 -5.57 11.89 -8.48
N LYS A 21 -5.84 13.16 -8.79
CA LYS A 21 -6.04 13.58 -10.18
C LYS A 21 -4.75 13.57 -10.99
N ASN A 22 -4.89 13.34 -12.28
CA ASN A 22 -3.75 13.45 -13.19
C ASN A 22 -3.96 14.64 -14.13
N LYS A 23 -3.01 14.85 -15.03
CA LYS A 23 -3.05 16.00 -15.93
C LYS A 23 -4.14 15.88 -17.00
N SER A 26 -6.88 11.20 -18.82
CA SER A 26 -6.07 10.67 -17.72
C SER A 26 -6.89 10.55 -16.44
N PRO A 27 -7.68 9.48 -16.32
CA PRO A 27 -8.53 9.24 -15.15
C PRO A 27 -7.71 9.25 -13.86
N PRO A 28 -8.34 9.62 -12.73
CA PRO A 28 -7.62 9.67 -11.45
C PRO A 28 -7.02 8.31 -11.09
N SER A 29 -5.91 8.32 -10.36
CA SER A 29 -5.28 7.09 -9.93
C SER A 29 -5.61 6.84 -8.47
N PHE A 30 -5.88 5.59 -8.10
CA PHE A 30 -6.14 5.29 -6.69
C PHE A 30 -4.90 5.62 -5.88
N LYS A 31 -5.09 6.45 -4.85
CA LYS A 31 -3.99 6.93 -4.04
C LYS A 31 -3.84 6.28 -2.68
N CYS A 32 -4.96 6.13 -1.96
CA CYS A 32 -4.95 5.42 -0.69
C CYS A 32 -6.35 5.34 -0.08
N GLY A 33 -6.48 4.65 1.05
CA GLY A 33 -7.77 4.40 1.66
C GLY A 33 -8.14 5.41 2.74
N GLY A 34 -9.37 5.30 3.24
CA GLY A 34 -9.86 6.19 4.28
C GLY A 34 -11.10 5.61 4.94
N SER A 35 -11.61 6.33 5.93
CA SER A 35 -12.79 5.87 6.66
C SER A 35 -13.77 7.00 6.89
N LEU A 36 -15.05 6.73 6.66
CA LEU A 36 -16.09 7.73 6.86
C LEU A 36 -16.47 7.80 8.34
N ILE A 37 -15.93 8.80 9.04
CA ILE A 37 -16.20 8.95 10.47
C ILE A 37 -17.33 9.92 10.71
N SER A 38 -17.69 10.67 9.68
CA SER A 38 -18.83 11.57 9.74
C SER A 38 -19.42 11.66 8.35
N PRO A 39 -20.74 11.92 8.24
CA PRO A 39 -21.37 12.05 6.91
C PRO A 39 -20.59 12.97 5.99
N CYS A 40 -19.92 13.98 6.55
CA CYS A 40 -19.15 14.93 5.77
C CYS A 40 -17.64 14.78 5.96
N TRP A 41 -17.22 13.90 6.87
CA TRP A 41 -15.80 13.78 7.19
C TRP A 41 -15.23 12.38 7.03
N VAL A 42 -14.06 12.32 6.40
CA VAL A 42 -13.32 11.09 6.16
C VAL A 42 -11.94 11.15 6.81
N ALA A 43 -11.55 10.09 7.53
CA ALA A 43 -10.22 10.05 8.13
C ALA A 43 -9.26 9.17 7.33
N SER A 44 -8.07 9.70 7.05
CA SER A 44 -7.08 8.94 6.30
C SER A 44 -5.68 9.26 6.85
N ALA A 45 -4.65 8.70 6.23
CA ALA A 45 -3.27 8.94 6.67
C ALA A 45 -2.61 10.18 6.08
N ALA A 46 -1.94 10.94 6.93
CA ALA A 46 -1.34 12.21 6.53
C ALA A 46 -0.26 12.06 5.48
N HIS A 47 0.47 10.94 5.52
CA HIS A 47 1.58 10.73 4.58
C HIS A 47 1.10 10.48 3.16
N CYS A 48 -0.19 10.16 3.02
CA CYS A 48 -0.80 10.04 1.70
C CYS A 48 -0.81 11.36 0.94
N PHE A 49 -0.75 12.46 1.67
CA PHE A 49 -1.00 13.78 1.09
C PHE A 49 0.12 14.80 1.30
N ILE A 50 1.14 14.43 2.07
CA ILE A 50 2.16 15.40 2.48
C ILE A 50 2.98 15.93 1.30
N GLN A 51 3.00 15.21 0.19
CA GLN A 51 3.79 15.60 -0.97
C GLN A 51 3.05 16.61 -1.85
N LEU A 52 1.75 16.38 -2.07
CA LEU A 52 0.90 17.28 -2.83
C LEU A 52 -0.36 17.61 -2.02
N PRO A 53 -0.23 18.48 -1.00
CA PRO A 53 -1.27 18.69 0.00
C PRO A 53 -2.45 19.56 -0.45
N LYS A 54 -2.47 20.02 -1.69
CA LYS A 54 -3.61 20.81 -2.17
C LYS A 54 -4.84 19.93 -2.36
N LYS A 55 -5.98 20.39 -1.86
CA LYS A 55 -7.19 19.57 -1.83
C LYS A 55 -7.75 19.28 -3.22
N GLU A 56 -7.50 20.17 -4.18
CA GLU A 56 -8.00 19.99 -5.54
C GLU A 56 -7.40 18.77 -6.23
N ASN A 57 -6.27 18.28 -5.70
CA ASN A 57 -5.60 17.12 -6.30
C ASN A 57 -6.32 15.80 -6.05
N TYR A 58 -7.43 15.83 -5.30
CA TYR A 58 -8.03 14.59 -4.84
C TYR A 58 -9.55 14.53 -4.98
N VAL A 59 -10.05 13.32 -5.21
CA VAL A 59 -11.48 13.04 -5.21
C VAL A 59 -11.76 11.83 -4.32
N VAL A 60 -12.93 11.80 -3.69
CA VAL A 60 -13.24 10.71 -2.78
C VAL A 60 -14.48 9.93 -3.23
N TYR A 61 -14.35 8.61 -3.32
CA TYR A 61 -15.48 7.76 -3.68
C TYR A 61 -15.92 6.90 -2.51
N LEU A 62 -17.22 6.90 -2.22
CA LEU A 62 -17.78 6.00 -1.22
C LEU A 62 -18.60 4.91 -1.91
N GLY A 63 -18.60 3.71 -1.32
CA GLY A 63 -19.39 2.60 -1.81
C GLY A 63 -18.73 1.82 -2.94
N GLN A 64 -17.40 1.74 -2.92
CA GLN A 64 -16.65 1.10 -3.99
C GLN A 64 -16.06 -0.26 -3.64
N SER A 65 -16.59 -1.32 -4.24
CA SER A 65 -16.03 -2.64 -4.09
C SER A 65 -14.96 -2.87 -5.15
N LYS A 66 -15.06 -2.11 -6.23
CA LYS A 66 -14.18 -2.28 -7.39
C LYS A 66 -13.37 -1.00 -7.63
N GLU A 67 -12.05 -1.14 -7.70
CA GLU A 67 -11.18 -0.01 -7.96
C GLU A 67 -11.23 0.42 -9.43
N SER A 68 -11.38 1.72 -9.65
CA SER A 68 -11.29 2.33 -10.97
C SER A 68 -12.31 1.81 -11.99
N SER A 69 -13.48 1.40 -11.52
CA SER A 69 -14.61 1.12 -12.39
C SER A 69 -15.89 1.57 -11.70
N TYR A 70 -17.02 1.52 -12.39
CA TYR A 70 -18.24 2.02 -11.79
C TYR A 70 -18.90 0.99 -10.89
N ASN A 71 -19.17 1.41 -9.65
CA ASN A 71 -19.93 0.62 -8.70
C ASN A 71 -21.33 1.21 -8.56
N PRO A 72 -22.37 0.41 -8.77
CA PRO A 72 -23.72 0.93 -8.51
C PRO A 72 -23.87 1.30 -7.03
N GLY A 73 -24.37 2.50 -6.77
CA GLY A 73 -24.50 3.00 -5.41
C GLY A 73 -23.36 3.92 -5.01
N GLU A 74 -22.36 4.03 -5.88
CA GLU A 74 -21.21 4.91 -5.66
C GLU A 74 -21.62 6.35 -5.38
N MET A 75 -20.86 7.00 -4.50
CA MET A 75 -20.99 8.44 -4.34
C MET A 75 -19.65 9.13 -4.56
N LYS A 76 -19.66 10.13 -5.43
CA LYS A 76 -18.45 10.88 -5.76
C LYS A 76 -18.41 12.23 -5.06
N PHE A 77 -17.27 12.55 -4.47
CA PHE A 77 -17.09 13.76 -3.68
C PHE A 77 -15.84 14.53 -4.08
N GLU A 78 -15.97 15.85 -4.12
CA GLU A 78 -14.82 16.73 -4.12
C GLU A 78 -14.39 16.97 -2.68
N VAL A 79 -13.14 17.35 -2.50
CA VAL A 79 -12.58 17.63 -1.18
C VAL A 79 -12.57 19.13 -0.91
N GLU A 80 -13.37 19.57 0.06
CA GLU A 80 -13.47 21.00 0.34
C GLU A 80 -12.55 21.42 1.49
N GLN A 81 -12.17 20.48 2.33
CA GLN A 81 -11.15 20.73 3.34
C GLN A 81 -10.20 19.53 3.48
N LEU A 82 -8.91 19.82 3.47
CA LEU A 82 -7.89 18.79 3.58
C LEU A 82 -6.94 19.14 4.73
N ILE A 83 -7.16 18.52 5.88
CA ILE A 83 -6.43 18.86 7.10
C ILE A 83 -5.43 17.77 7.49
N LEU A 84 -4.15 18.13 7.51
CA LEU A 84 -3.10 17.22 7.92
C LEU A 84 -2.65 17.57 9.32
N HIS A 85 -2.31 16.56 10.13
CA HIS A 85 -1.89 16.83 11.50
C HIS A 85 -0.61 17.67 11.48
N GLU A 86 -0.65 18.79 12.19
CA GLU A 86 0.39 19.80 12.11
C GLU A 86 1.73 19.35 12.69
N TYR A 87 1.73 18.26 13.46
CA TYR A 87 2.96 17.72 14.01
C TYR A 87 3.31 16.39 13.36
N TYR A 88 2.81 16.17 12.15
CA TYR A 88 3.19 15.01 11.37
C TYR A 88 4.69 15.00 11.15
N ARG A 89 5.30 13.83 11.23
CA ARG A 89 6.73 13.75 10.88
C ARG A 89 7.11 12.36 10.41
N GLU A 90 8.19 12.28 9.64
CA GLU A 90 8.74 11.00 9.24
C GLU A 90 10.08 10.79 9.93
N ASP A 91 10.16 9.74 10.75
CA ASP A 91 11.39 9.42 11.46
C ASP A 91 11.72 7.96 11.22
N SER A 92 12.92 7.71 10.71
CA SER A 92 13.31 6.39 10.23
C SER A 92 12.30 5.92 9.18
N LEU A 93 11.67 4.77 9.43
CA LEU A 93 10.66 4.26 8.51
C LEU A 93 9.26 4.56 9.03
N ALA A 94 9.19 5.16 10.21
CA ALA A 94 7.93 5.42 10.89
C ALA A 94 7.34 6.78 10.53
N TYR A 95 6.01 6.85 10.52
CA TYR A 95 5.31 8.12 10.47
C TYR A 95 4.69 8.41 11.83
N HIS A 96 4.88 9.63 12.32
CA HIS A 96 4.35 10.06 13.60
C HIS A 96 3.23 11.08 13.39
N ASN A 97 2.17 10.93 14.17
CA ASN A 97 0.95 11.72 14.05
C ASN A 97 0.37 11.57 12.64
N ASP A 98 0.42 10.35 12.13
CA ASP A 98 0.04 10.08 10.76
C ASP A 98 -1.49 10.03 10.78
N ILE A 99 -2.12 11.15 10.45
CA ILE A 99 -3.56 11.22 10.47
C ILE A 99 -3.98 12.45 9.67
N ALA A 100 -5.04 12.30 8.89
CA ALA A 100 -5.51 13.37 8.02
C ALA A 100 -7.04 13.41 7.99
N LEU A 101 -7.59 14.62 7.80
CA LEU A 101 -9.03 14.76 7.70
C LEU A 101 -9.45 15.33 6.34
N LEU A 102 -10.51 14.74 5.79
CA LEU A 102 -11.01 15.06 4.46
C LEU A 102 -12.47 15.45 4.56
N LYS A 103 -12.77 16.75 4.42
CA LYS A 103 -14.17 17.15 4.35
C LYS A 103 -14.63 16.98 2.91
N ILE A 104 -15.72 16.24 2.73
CA ILE A 104 -16.17 15.88 1.40
C ILE A 104 -17.52 16.51 1.06
N ARG A 105 -17.70 16.87 -0.20
CA ARG A 105 -19.00 17.35 -0.66
C ARG A 105 -19.26 16.89 -2.08
N THR A 106 -20.51 16.52 -2.37
CA THR A 106 -20.88 16.15 -3.74
C THR A 106 -20.84 17.37 -4.65
N SER A 107 -21.08 17.16 -5.94
CA SER A 107 -21.10 18.25 -6.91
C SER A 107 -22.29 19.17 -6.70
N THR A 108 -23.24 18.75 -5.87
CA THR A 108 -24.42 19.56 -5.60
C THR A 108 -24.41 20.09 -4.16
N GLY A 109 -23.32 19.81 -3.43
CA GLY A 109 -23.14 20.39 -2.11
C GLY A 109 -23.59 19.52 -0.95
N GLN A 110 -23.87 18.25 -1.23
CA GLN A 110 -24.27 17.33 -0.17
C GLN A 110 -23.08 16.48 0.28
N CYS A 111 -23.21 15.85 1.45
CA CYS A 111 -22.24 14.85 1.85
C CYS A 111 -22.94 13.51 1.98
N ALA A 112 -22.22 12.50 2.47
CA ALA A 112 -22.68 11.11 2.43
C ALA A 112 -24.14 10.89 2.84
N GLN A 113 -24.82 10.06 2.07
CA GLN A 113 -26.17 9.61 2.42
C GLN A 113 -26.09 8.14 2.81
N PRO A 114 -26.49 7.81 4.05
CA PRO A 114 -26.37 6.43 4.53
C PRO A 114 -27.10 5.43 3.65
N SER A 115 -26.42 4.33 3.33
CA SER A 115 -27.03 3.25 2.57
C SER A 115 -26.34 1.95 2.94
N ARG A 116 -26.73 0.87 2.28
CA ARG A 116 -26.14 -0.44 2.55
C ARG A 116 -24.64 -0.49 2.34
N SER A 117 -24.17 0.31 1.38
CA SER A 117 -22.76 0.29 1.00
C SER A 117 -22.01 1.50 1.54
N ILE A 118 -22.74 2.39 2.21
CA ILE A 118 -22.16 3.63 2.72
C ILE A 118 -22.67 3.95 4.13
N GLN A 119 -21.79 3.81 5.13
CA GLN A 119 -22.14 4.10 6.51
C GLN A 119 -20.95 4.71 7.24
N THR A 120 -21.23 5.37 8.36
CA THR A 120 -20.17 5.92 9.19
C THR A 120 -19.64 4.86 10.17
N ILE A 121 -18.38 5.00 10.56
CA ILE A 121 -17.79 4.14 11.58
C ILE A 121 -17.65 4.93 12.88
N ALA A 122 -17.91 4.27 14.00
CA ALA A 122 -17.83 4.93 15.31
C ALA A 122 -16.38 5.13 15.74
N LEU A 123 -16.10 6.30 16.31
CA LEU A 123 -14.82 6.57 16.93
C LEU A 123 -14.77 5.88 18.29
N PRO A 124 -13.57 5.57 18.78
CA PRO A 124 -13.47 4.95 20.10
C PRO A 124 -13.67 5.97 21.20
N PRO A 125 -13.98 5.52 22.42
CA PRO A 125 -13.90 6.42 23.57
C PRO A 125 -12.44 6.78 23.86
N ARG A 126 -12.21 7.84 24.61
CA ARG A 126 -10.85 8.35 24.85
C ARG A 126 -9.89 7.32 25.42
N PHE A 127 -8.72 7.22 24.80
CA PHE A 127 -7.62 6.38 25.27
C PHE A 127 -8.04 4.93 25.49
N THR A 128 -9.13 4.52 24.85
CA THR A 128 -9.69 3.20 25.05
C THR A 128 -9.48 2.31 23.84
N ASP A 129 -8.78 1.21 24.04
CA ASP A 129 -8.59 0.22 22.98
C ASP A 129 -9.11 -1.14 23.44
N ALA A 130 -9.31 -2.03 22.48
CA ALA A 130 -9.67 -3.41 22.79
C ALA A 130 -8.48 -4.09 23.46
N PRO A 131 -8.76 -5.11 24.29
CA PRO A 131 -7.66 -5.87 24.92
C PRO A 131 -6.70 -6.45 23.86
N PHE A 132 -5.42 -6.53 24.21
CA PHE A 132 -4.45 -7.05 23.27
C PHE A 132 -4.70 -8.52 22.99
N GLY A 133 -4.58 -8.90 21.72
CA GLY A 133 -4.90 -10.25 21.29
C GLY A 133 -6.29 -10.33 20.67
N SER A 134 -6.98 -9.19 20.62
CA SER A 134 -8.33 -9.14 20.08
C SER A 134 -8.32 -9.10 18.55
N ASP A 135 -9.32 -9.74 17.96
CA ASP A 135 -9.49 -9.72 16.52
C ASP A 135 -9.94 -8.34 16.06
N CYS A 136 -9.31 -7.85 15.01
CA CYS A 136 -9.68 -6.59 14.36
C CYS A 136 -9.60 -6.80 12.85
N GLU A 137 -10.49 -6.14 12.11
CA GLU A 137 -10.48 -6.29 10.67
C GLU A 137 -9.78 -5.14 9.97
N ILE A 138 -9.13 -5.46 8.85
CA ILE A 138 -8.47 -4.47 8.01
C ILE A 138 -8.95 -4.63 6.58
N THR A 139 -9.10 -3.52 5.86
CA THR A 139 -9.58 -3.58 4.47
C THR A 139 -8.92 -2.58 3.55
N GLY A 140 -9.04 -2.81 2.24
CA GLY A 140 -8.49 -1.90 1.26
C GLY A 140 -8.26 -2.48 -0.13
N PHE A 141 -7.72 -1.64 -1.01
CA PHE A 141 -7.47 -1.98 -2.40
C PHE A 141 -6.01 -2.37 -2.66
N GLY A 142 -5.27 -2.63 -1.58
CA GLY A 142 -3.83 -2.86 -1.68
C GLY A 142 -3.43 -4.17 -2.32
N LYS A 143 -2.16 -4.27 -2.73
CA LYS A 143 -1.63 -5.48 -3.37
C LYS A 143 -1.72 -6.68 -2.44
N GLU A 144 -1.64 -7.87 -3.03
CA GLU A 144 -1.79 -9.10 -2.28
C GLU A 144 -0.42 -9.66 -1.86
N SER A 145 0.64 -8.99 -2.30
CA SER A 145 1.98 -9.21 -1.78
C SER A 145 2.84 -8.00 -2.15
N GLU A 146 3.93 -7.78 -1.43
CA GLU A 146 4.72 -6.57 -1.60
C GLU A 146 5.38 -6.48 -2.98
N SER A 147 5.61 -7.63 -3.61
CA SER A 147 6.30 -7.64 -4.90
C SER A 147 5.37 -7.88 -6.08
N ASP A 148 4.06 -8.01 -5.82
CA ASP A 148 3.08 -8.10 -6.90
C ASP A 148 3.11 -6.83 -7.73
N TYR A 149 3.07 -6.97 -9.05
CA TYR A 149 3.00 -5.80 -9.92
C TYR A 149 1.56 -5.31 -10.03
N LEU A 150 0.63 -6.26 -10.06
CA LEU A 150 -0.78 -5.93 -10.21
C LEU A 150 -1.44 -5.63 -8.88
N TYR A 151 -2.56 -4.91 -8.93
CA TYR A 151 -3.45 -4.75 -7.79
C TYR A 151 -4.65 -5.66 -8.01
N PRO A 152 -5.27 -6.15 -6.92
CA PRO A 152 -6.45 -7.01 -7.07
C PRO A 152 -7.63 -6.29 -7.73
N LYS A 153 -7.61 -4.95 -7.72
CA LYS A 153 -8.65 -4.11 -8.29
C LYS A 153 -10.01 -4.30 -7.63
N ASN A 154 -9.99 -4.76 -6.40
CA ASN A 154 -11.19 -5.24 -5.72
C ASN A 154 -10.95 -5.38 -4.24
N LEU A 155 -11.92 -4.86 -3.49
CA LEU A 155 -11.76 -4.64 -2.05
C LEU A 155 -11.45 -5.92 -1.32
N LYS A 156 -10.50 -5.84 -0.41
CA LYS A 156 -10.16 -7.01 0.37
C LYS A 156 -10.27 -6.74 1.85
N MET A 157 -10.59 -7.79 2.59
CA MET A 157 -10.80 -7.72 4.03
C MET A 157 -10.11 -8.89 4.71
N SER A 158 -9.51 -8.63 5.87
CA SER A 158 -8.84 -9.69 6.62
C SER A 158 -8.90 -9.42 8.12
N VAL A 159 -8.50 -10.41 8.91
CA VAL A 159 -8.49 -10.27 10.36
C VAL A 159 -7.07 -10.41 10.92
N VAL A 160 -6.69 -9.46 11.77
CA VAL A 160 -5.41 -9.49 12.45
C VAL A 160 -5.65 -9.33 13.94
N LYS A 161 -4.63 -9.58 14.76
CA LYS A 161 -4.78 -9.45 16.21
C LYS A 161 -3.93 -8.30 16.75
N LEU A 162 -4.45 -7.62 17.76
CA LEU A 162 -3.72 -6.52 18.39
C LEU A 162 -2.48 -7.02 19.11
N VAL A 163 -1.35 -6.36 18.85
CA VAL A 163 -0.11 -6.69 19.52
C VAL A 163 0.21 -5.61 20.54
N SER A 164 0.48 -6.02 21.79
CA SER A 164 0.77 -5.08 22.86
C SER A 164 2.01 -4.26 22.54
N HIS A 165 2.11 -3.09 23.15
CA HIS A 165 3.28 -2.23 22.98
C HIS A 165 4.48 -2.90 23.61
N GLU A 166 4.25 -3.56 24.74
CA GLU A 166 5.29 -4.35 25.36
C GLU A 166 5.87 -5.37 24.38
N GLN A 167 5.08 -6.12 23.61
CA GLN A 167 5.78 -7.02 22.69
C GLN A 167 6.41 -6.19 21.60
N CYS A 168 5.61 -5.31 21.02
CA CYS A 168 5.98 -4.66 19.77
C CYS A 168 7.25 -3.84 19.92
N MET A 169 7.55 -3.41 21.14
CA MET A 169 8.75 -2.60 21.39
C MET A 169 9.97 -3.44 21.72
N GLN A 170 9.81 -4.76 21.72
CA GLN A 170 10.94 -5.67 21.93
C GLN A 170 11.92 -5.56 20.77
N PRO A 171 13.21 -5.83 21.04
CA PRO A 171 14.28 -5.69 20.04
C PRO A 171 14.03 -6.39 18.72
N HIS A 172 13.63 -7.65 18.74
CA HIS A 172 13.41 -8.38 17.49
C HIS A 172 12.09 -7.95 16.84
N TYR A 173 11.30 -7.08 17.43
CA TYR A 173 10.12 -6.52 16.77
C TYR A 173 10.66 -5.09 16.38
N TYR A 174 9.85 -4.07 16.26
CA TYR A 174 10.29 -2.67 16.13
C TYR A 174 11.19 -1.87 17.06
N GLY A 175 11.28 -2.29 18.31
CA GLY A 175 12.09 -1.56 19.27
C GLY A 175 11.51 -0.19 19.53
N SER A 176 12.34 0.84 19.45
CA SER A 176 11.92 2.18 19.83
C SER A 176 11.47 3.03 18.63
N GLU A 177 11.37 2.43 17.45
CA GLU A 177 10.90 3.20 16.30
C GLU A 177 9.36 3.21 16.26
N ILE A 178 8.75 2.61 17.27
CA ILE A 178 7.32 2.80 17.52
C ILE A 178 7.12 3.47 18.87
N ASN A 179 5.95 4.07 19.06
CA ASN A 179 5.58 4.63 20.36
C ASN A 179 4.13 4.34 20.73
N TYR A 180 3.67 4.95 21.81
CA TYR A 180 2.38 4.61 22.39
C TYR A 180 1.17 5.22 21.68
N LYS A 181 1.39 6.13 20.75
CA LYS A 181 0.28 6.63 19.94
C LYS A 181 0.25 5.91 18.60
N MET A 182 0.88 4.75 18.57
CA MET A 182 0.73 3.81 17.48
C MET A 182 0.25 2.48 18.08
N LEU A 183 -0.35 1.64 17.25
CA LEU A 183 -0.70 0.30 17.70
C LEU A 183 -0.29 -0.71 16.62
N CYS A 184 0.18 -1.86 17.05
CA CYS A 184 0.60 -2.90 16.12
C CYS A 184 -0.50 -3.95 15.98
N ALA A 185 -0.60 -4.53 14.78
CA ALA A 185 -1.54 -5.61 14.55
C ALA A 185 -0.94 -6.63 13.59
N ALA A 186 -1.16 -7.91 13.88
CA ALA A 186 -0.54 -8.96 13.09
C ALA A 186 -1.27 -10.30 13.22
N ASP A 187 -1.10 -11.14 12.20
CA ASP A 187 -1.57 -12.52 12.26
C ASP A 187 -0.58 -13.34 13.07
N PRO A 188 -1.10 -14.20 13.96
CA PRO A 188 -0.28 -15.05 14.83
C PRO A 188 0.80 -15.83 14.07
N GLU A 189 0.50 -16.24 12.83
CA GLU A 189 1.50 -16.92 12.01
C GLU A 189 1.87 -16.12 10.77
N TRP A 190 1.62 -14.81 10.83
CA TRP A 190 2.15 -13.86 9.85
C TRP A 190 1.71 -14.16 8.42
N LYS A 191 0.45 -14.52 8.24
CA LYS A 191 -0.06 -14.93 6.93
C LYS A 191 -0.94 -13.86 6.29
N THR A 192 -1.33 -12.86 7.07
CA THR A 192 -2.14 -11.78 6.55
C THR A 192 -1.79 -10.44 7.19
N ASP A 193 -1.88 -9.37 6.41
CA ASP A 193 -1.44 -8.04 6.82
C ASP A 193 -1.87 -7.00 5.80
N SER A 194 -1.81 -5.73 6.18
CA SER A 194 -2.05 -4.64 5.23
C SER A 194 -0.83 -4.48 4.34
N CYS A 195 -1.02 -4.01 3.11
CA CYS A 195 0.11 -3.87 2.21
C CYS A 195 0.12 -2.61 1.36
N LYS A 196 0.81 -2.70 0.23
CA LYS A 196 0.96 -1.61 -0.71
C LYS A 196 -0.34 -1.11 -1.33
N GLY A 197 -0.77 0.04 -0.87
CA GLY A 197 -1.98 0.60 -1.26
C GLY A 197 -3.01 0.62 -0.18
N ASP A 198 -2.75 0.03 0.94
CA ASP A 198 -3.69 0.04 2.04
C ASP A 198 -3.64 1.23 3.02
N SER A 199 -2.59 2.06 2.97
CA SER A 199 -2.39 3.19 3.87
C SER A 199 -3.60 4.11 3.91
N GLY A 200 -3.91 4.63 5.09
CA GLY A 200 -5.06 5.48 5.26
C GLY A 200 -6.32 4.70 5.58
N GLY A 201 -6.27 3.39 5.33
CA GLY A 201 -7.42 2.53 5.55
C GLY A 201 -7.66 2.21 7.01
N PRO A 202 -8.83 1.62 7.30
CA PRO A 202 -9.27 1.40 8.69
C PRO A 202 -8.83 0.09 9.32
N LEU A 203 -8.47 0.16 10.59
CA LEU A 203 -8.39 -1.02 11.45
C LEU A 203 -9.55 -0.95 12.43
N ILE A 204 -10.51 -1.84 12.24
CA ILE A 204 -11.75 -1.84 13.02
C ILE A 204 -11.74 -2.90 14.11
N CYS A 205 -11.88 -2.46 15.35
CA CYS A 205 -12.00 -3.36 16.47
C CYS A 205 -13.41 -3.26 17.06
N ASN A 206 -13.80 -4.26 17.83
CA ASN A 206 -15.08 -4.22 18.52
C ASN A 206 -14.91 -3.67 19.93
N ILE A 207 -15.47 -2.49 20.18
CA ILE A 207 -15.36 -1.84 21.48
C ILE A 207 -16.74 -1.42 21.98
N GLU A 208 -17.08 -1.89 23.17
CA GLU A 208 -18.39 -1.63 23.78
C GLU A 208 -19.53 -2.07 22.87
N GLY A 209 -19.35 -3.21 22.21
CA GLY A 209 -20.39 -3.82 21.39
C GLY A 209 -20.69 -3.10 20.09
N ARG A 210 -19.70 -2.38 19.56
CA ARG A 210 -19.88 -1.71 18.28
C ARG A 210 -18.57 -1.69 17.49
N PRO A 211 -18.67 -1.74 16.16
CA PRO A 211 -17.47 -1.60 15.32
C PRO A 211 -16.85 -0.22 15.55
N THR A 212 -15.54 -0.18 15.73
CA THR A 212 -14.87 1.05 16.09
C THR A 212 -13.58 1.26 15.32
N LEU A 213 -13.44 2.43 14.71
CA LEU A 213 -12.18 2.81 14.09
C LEU A 213 -11.18 2.85 15.24
N SER A 214 -10.23 1.92 15.22
CA SER A 214 -9.24 1.85 16.27
C SER A 214 -7.90 2.23 15.67
N GLY A 215 -7.72 1.97 14.37
CA GLY A 215 -6.45 2.26 13.74
C GLY A 215 -6.50 2.83 12.34
N ILE A 216 -5.44 3.52 11.95
CA ILE A 216 -5.29 3.97 10.56
C ILE A 216 -4.00 3.41 9.97
N VAL A 217 -4.11 2.66 8.86
CA VAL A 217 -2.96 2.01 8.26
C VAL A 217 -1.83 3.02 8.01
N SER A 218 -0.69 2.82 8.65
CA SER A 218 0.38 3.81 8.56
C SER A 218 1.62 3.26 7.87
N TRP A 219 2.32 2.36 8.54
CA TRP A 219 3.58 1.87 8.01
C TRP A 219 3.92 0.49 8.55
N GLY A 220 5.10 0.02 8.18
CA GLY A 220 5.59 -1.27 8.62
C GLY A 220 6.68 -1.73 7.68
N ARG A 221 7.55 -2.59 8.17
CA ARG A 221 8.65 -3.12 7.37
C ARG A 221 8.25 -4.41 6.67
N GLY A 222 8.16 -4.22 5.47
CA GLY A 222 7.77 -5.39 4.69
C GLY A 222 6.34 -5.82 4.96
N CYS A 223 5.69 -6.73 4.57
CA CYS A 223 4.29 -7.10 4.54
C CYS A 223 4.10 -8.57 4.92
N ALA A 224 3.50 -8.80 6.09
CA ALA A 224 3.27 -10.15 6.57
C ALA A 224 4.58 -10.89 6.82
N GLU A 225 5.52 -10.20 7.46
CA GLU A 225 6.81 -10.79 7.75
C GLU A 225 6.90 -11.07 9.24
N LYS A 226 7.53 -12.16 9.59
CA LYS A 226 7.70 -12.60 10.97
C LYS A 226 8.30 -11.50 11.84
N ASN A 227 7.72 -11.31 13.03
CA ASN A 227 8.17 -10.32 14.01
C ASN A 227 8.09 -8.88 13.51
N LYS A 228 7.26 -8.65 12.49
CA LYS A 228 7.08 -7.30 11.95
C LYS A 228 5.60 -7.03 11.68
N PRO A 229 4.86 -6.67 12.74
CA PRO A 229 3.43 -6.37 12.62
C PRO A 229 3.17 -5.11 11.80
N GLY A 230 1.94 -4.96 11.33
CA GLY A 230 1.51 -3.73 10.70
C GLY A 230 1.39 -2.64 11.76
N VAL A 231 1.75 -1.43 11.40
CA VAL A 231 1.70 -0.31 12.34
C VAL A 231 0.63 0.71 11.95
N TYR A 232 -0.19 1.05 12.93
CA TYR A 232 -1.38 1.85 12.69
C TYR A 232 -1.41 3.06 13.62
N THR A 233 -1.88 4.19 13.10
CA THR A 233 -2.14 5.35 13.93
C THR A 233 -3.24 4.97 14.91
N ARG A 234 -2.94 5.17 16.19
CA ARG A 234 -3.82 4.77 17.28
C ARG A 234 -4.85 5.88 17.52
N VAL A 235 -6.03 5.71 16.92
CA VAL A 235 -7.05 6.74 16.83
C VAL A 235 -7.54 7.24 18.20
N SER A 236 -7.55 6.35 19.19
CA SER A 236 -8.06 6.70 20.52
C SER A 236 -7.22 7.80 21.21
N HIS A 237 -6.09 8.16 20.62
CA HIS A 237 -5.24 9.21 21.15
C HIS A 237 -5.30 10.49 20.31
N PHE A 238 -6.27 10.58 19.42
CA PHE A 238 -6.37 11.72 18.52
C PHE A 238 -7.77 12.30 18.49
N LEU A 239 -8.57 11.96 19.49
CA LEU A 239 -9.97 12.38 19.51
C LEU A 239 -10.12 13.88 19.75
N ASP A 240 -9.25 14.45 20.58
CA ASP A 240 -9.25 15.89 20.80
C ASP A 240 -8.91 16.63 19.50
N TRP A 241 -7.87 16.16 18.83
CA TRP A 241 -7.44 16.76 17.56
C TRP A 241 -8.53 16.66 16.49
N ILE A 242 -9.19 15.50 16.44
CA ILE A 242 -10.28 15.29 15.49
C ILE A 242 -11.44 16.22 15.80
N GLN A 243 -11.80 16.31 17.08
CA GLN A 243 -12.92 17.15 17.51
C GLN A 243 -12.61 18.64 17.37
N SER A 244 -11.34 19.00 17.35
CA SER A 244 -10.98 20.41 17.19
C SER A 244 -11.24 20.87 15.76
N HIS A 245 -11.48 19.91 14.87
CA HIS A 245 -11.74 20.22 13.47
C HIS A 245 -13.22 20.04 13.13
N ILE A 246 -13.65 18.78 13.03
CA ILE A 246 -15.04 18.46 12.71
C ILE A 246 -15.97 18.95 13.81
N GLY A 247 -15.50 18.92 15.05
CA GLY A 247 -16.30 19.36 16.18
C GLY A 247 -16.32 20.88 16.32
N VAL B 2 19.78 9.43 -7.65
CA VAL B 2 19.08 8.15 -7.64
C VAL B 2 19.89 7.12 -8.45
N GLN B 3 19.60 6.99 -9.74
CA GLN B 3 20.54 6.42 -10.74
C GLN B 3 20.77 4.91 -10.75
N LEU B 4 19.77 4.11 -11.10
CA LEU B 4 19.99 2.68 -11.27
C LEU B 4 20.69 2.37 -12.61
N GLN B 5 21.80 1.61 -12.56
CA GLN B 5 22.55 1.29 -13.77
C GLN B 5 22.52 -0.21 -14.09
N GLU B 6 22.04 -0.55 -15.28
CA GLU B 6 22.02 -1.93 -15.75
C GLU B 6 23.34 -2.35 -16.37
N SER B 7 23.54 -3.66 -16.52
CA SER B 7 24.74 -4.22 -17.14
C SER B 7 24.54 -5.70 -17.45
N GLY B 8 25.26 -6.21 -18.43
CA GLY B 8 25.22 -7.63 -18.73
C GLY B 8 24.46 -8.00 -20.00
N GLY B 9 23.80 -7.02 -20.60
CA GLY B 9 23.03 -7.26 -21.82
C GLY B 9 23.90 -7.65 -23.00
N GLY B 10 23.26 -7.88 -24.15
CA GLY B 10 23.99 -8.23 -25.35
C GLY B 10 23.28 -9.23 -26.25
N LEU B 11 24.06 -9.91 -27.09
CA LEU B 11 23.52 -10.84 -28.07
C LEU B 11 23.78 -12.30 -27.69
N VAL B 12 22.70 -13.07 -27.58
CA VAL B 12 22.80 -14.50 -27.24
C VAL B 12 21.93 -15.31 -28.21
N GLN B 13 22.31 -16.55 -28.48
CA GLN B 13 21.50 -17.41 -29.33
C GLN B 13 20.35 -18.04 -28.52
N ALA B 14 19.28 -18.41 -29.22
CA ALA B 14 18.10 -18.96 -28.58
C ALA B 14 18.40 -20.22 -27.79
N GLY B 15 17.76 -20.35 -26.63
CA GLY B 15 17.98 -21.49 -25.76
C GLY B 15 19.13 -21.23 -24.79
N GLY B 16 19.88 -20.16 -25.03
CA GLY B 16 21.01 -19.82 -24.18
C GLY B 16 20.63 -19.08 -22.92
N SER B 17 21.63 -18.75 -22.11
CA SER B 17 21.41 -18.05 -20.86
C SER B 17 22.07 -16.68 -20.84
N LEU B 18 21.70 -15.86 -19.86
CA LEU B 18 22.24 -14.51 -19.73
C LEU B 18 21.97 -13.99 -18.32
N ARG B 19 22.91 -13.25 -17.75
CA ARG B 19 22.71 -12.73 -16.39
C ARG B 19 22.81 -11.21 -16.34
N LEU B 20 21.69 -10.56 -16.03
CA LEU B 20 21.63 -9.10 -15.93
C LEU B 20 21.89 -8.64 -14.50
N SER B 21 22.66 -7.56 -14.37
CA SER B 21 22.94 -6.96 -13.07
C SER B 21 22.51 -5.50 -13.04
N CYS B 22 22.08 -5.04 -11.88
CA CYS B 22 21.68 -3.64 -11.72
C CYS B 22 22.20 -3.07 -10.41
N ALA B 23 22.92 -1.96 -10.51
CA ALA B 23 23.48 -1.29 -9.34
C ALA B 23 22.70 -0.03 -8.97
N ALA B 24 22.33 0.05 -7.69
CA ALA B 24 21.56 1.17 -7.18
C ALA B 24 22.40 2.08 -6.30
N SER B 25 22.24 3.39 -6.44
CA SER B 25 23.02 4.35 -5.66
C SER B 25 22.16 5.46 -5.10
N SER B 30 19.10 -0.11 1.79
CA SER B 30 17.86 -0.20 1.04
C SER B 30 16.73 -0.79 1.89
N SER B 31 15.51 -0.66 1.38
CA SER B 31 14.33 -1.16 2.05
C SER B 31 13.25 -1.44 1.01
N TYR B 32 13.43 -0.85 -0.17
CA TYR B 32 12.49 -1.04 -1.27
C TYR B 32 12.42 -2.32 -2.08
N VAL B 33 11.29 -2.51 -2.75
CA VAL B 33 11.15 -3.58 -3.72
C VAL B 33 11.98 -3.26 -4.96
N MET B 34 12.77 -4.24 -5.41
CA MET B 34 13.54 -4.05 -6.64
C MET B 34 12.92 -4.90 -7.74
N GLY B 35 13.13 -4.51 -8.99
CA GLY B 35 12.51 -5.24 -10.08
C GLY B 35 13.17 -5.12 -11.45
N TRP B 36 12.59 -5.83 -12.41
CA TRP B 36 12.98 -5.75 -13.80
C TRP B 36 11.75 -5.65 -14.70
N PHE B 37 11.84 -4.74 -15.67
CA PHE B 37 10.84 -4.49 -16.71
C PHE B 37 11.54 -4.66 -18.07
N ARG B 38 10.79 -4.64 -19.17
CA ARG B 38 11.39 -4.71 -20.51
C ARG B 38 10.48 -4.12 -21.58
N GLN B 39 11.05 -3.67 -22.68
CA GLN B 39 10.20 -3.08 -23.68
C GLN B 39 10.45 -3.81 -25.01
N ALA B 40 9.65 -4.81 -25.38
CA ALA B 40 9.77 -5.47 -26.69
C ALA B 40 9.49 -4.55 -27.86
N PRO B 41 10.05 -4.85 -29.05
CA PRO B 41 9.77 -4.09 -30.27
C PRO B 41 8.27 -3.93 -30.54
N GLY B 42 7.82 -2.69 -30.73
CA GLY B 42 6.43 -2.42 -31.08
C GLY B 42 5.50 -2.41 -29.88
N LYS B 43 6.05 -2.57 -28.68
CA LYS B 43 5.25 -2.59 -27.47
C LYS B 43 5.76 -1.54 -26.47
N GLU B 44 4.94 -1.26 -25.46
CA GLU B 44 5.39 -0.42 -24.35
C GLU B 44 5.94 -1.31 -23.23
N ARG B 45 6.48 -0.68 -22.21
CA ARG B 45 7.20 -1.38 -21.14
C ARG B 45 6.30 -2.34 -20.37
N GLU B 46 6.76 -3.58 -20.23
CA GLU B 46 6.02 -4.60 -19.48
C GLU B 46 6.79 -5.01 -18.24
N PHE B 47 6.06 -5.63 -17.30
CA PHE B 47 6.65 -6.13 -16.07
C PHE B 47 7.32 -7.49 -16.31
N VAL B 48 8.46 -7.72 -15.66
CA VAL B 48 9.17 -8.98 -15.81
C VAL B 48 9.28 -9.67 -14.47
N ALA B 49 9.84 -8.98 -13.48
CA ALA B 49 10.03 -9.58 -12.16
C ALA B 49 10.17 -8.54 -11.05
N ALA B 50 9.94 -8.96 -9.81
CA ALA B 50 10.15 -8.10 -8.67
C ALA B 50 10.45 -8.92 -7.42
N ILE B 51 11.02 -8.27 -6.42
CA ILE B 51 11.45 -8.93 -5.20
C ILE B 51 11.54 -7.94 -4.05
N SER B 52 10.99 -8.33 -2.90
CA SER B 52 11.02 -7.48 -1.72
C SER B 52 12.41 -7.47 -1.10
N TRP B 53 12.60 -6.68 -0.06
CA TRP B 53 13.92 -6.53 0.55
C TRP B 53 14.49 -7.82 1.12
N SER B 54 13.65 -8.67 1.69
CA SER B 54 14.10 -9.87 2.39
C SER B 54 14.13 -11.12 1.50
N GLY B 55 13.68 -10.98 0.27
CA GLY B 55 13.57 -12.10 -0.63
C GLY B 55 12.32 -12.85 -0.33
N GLY B 56 11.59 -12.47 0.70
CA GLY B 56 10.35 -13.09 1.12
C GLY B 56 9.26 -13.20 0.09
N SER B 57 9.12 -12.21 -0.75
CA SER B 57 8.13 -12.23 -1.79
C SER B 57 8.82 -11.94 -3.07
N THR B 58 8.49 -12.76 -4.01
CA THR B 58 9.04 -12.71 -5.30
C THR B 58 7.94 -12.78 -6.23
N ASN B 59 8.12 -12.22 -7.38
CA ASN B 59 7.04 -12.24 -8.37
C ASN B 59 7.55 -12.16 -9.81
N TYR B 60 6.88 -12.88 -10.72
CA TYR B 60 7.27 -12.89 -12.13
C TYR B 60 6.08 -12.74 -13.07
N ALA B 61 6.33 -12.29 -14.29
CA ALA B 61 5.32 -12.31 -15.34
C ALA B 61 5.16 -13.75 -15.83
N ASP B 62 3.97 -14.08 -16.33
CA ASP B 62 3.66 -15.44 -16.74
C ASP B 62 4.55 -15.95 -17.88
N SER B 63 4.97 -15.04 -18.74
CA SER B 63 5.74 -15.42 -19.92
C SER B 63 7.18 -15.83 -19.61
N VAL B 64 7.64 -15.52 -18.40
CA VAL B 64 9.02 -15.82 -18.01
C VAL B 64 9.09 -16.78 -16.82
N LYS B 65 7.93 -17.25 -16.36
CA LYS B 65 7.88 -18.18 -15.24
C LYS B 65 8.77 -19.40 -15.46
N GLY B 66 9.49 -19.79 -14.42
CA GLY B 66 10.24 -21.04 -14.44
C GLY B 66 11.54 -21.06 -15.22
N ARG B 67 11.91 -19.94 -15.83
CA ARG B 67 13.18 -19.86 -16.52
C ARG B 67 13.85 -18.49 -16.31
N PHE B 68 13.18 -17.63 -15.54
CA PHE B 68 13.83 -16.39 -15.09
C PHE B 68 13.88 -16.49 -13.57
N THR B 69 14.96 -15.98 -12.99
CA THR B 69 15.11 -15.96 -11.54
C THR B 69 15.67 -14.62 -11.08
N ILE B 70 14.93 -13.91 -10.25
CA ILE B 70 15.40 -12.61 -9.76
C ILE B 70 16.03 -12.78 -8.38
N SER B 71 17.19 -12.15 -8.19
CA SER B 71 17.89 -12.23 -6.91
C SER B 71 18.33 -10.85 -6.45
N ARG B 72 18.93 -10.79 -5.26
CA ARG B 72 19.21 -9.52 -4.63
C ARG B 72 20.39 -9.60 -3.66
N ASP B 73 21.20 -8.55 -3.65
CA ASP B 73 22.32 -8.41 -2.71
C ASP B 73 22.19 -7.06 -2.03
N ASN B 74 21.72 -7.08 -0.78
CA ASN B 74 21.47 -5.87 -0.02
C ASN B 74 22.74 -5.20 0.49
N ALA B 75 23.83 -5.95 0.52
CA ALA B 75 25.11 -5.39 0.92
C ALA B 75 25.62 -4.41 -0.13
N LYS B 76 25.58 -4.84 -1.38
CA LYS B 76 26.14 -4.06 -2.48
C LYS B 76 25.07 -3.25 -3.23
N ASN B 77 23.86 -3.21 -2.69
CA ASN B 77 22.73 -2.52 -3.32
C ASN B 77 22.53 -2.97 -4.77
N THR B 78 22.54 -4.28 -5.00
CA THR B 78 22.49 -4.80 -6.35
C THR B 78 21.31 -5.76 -6.54
N VAL B 79 20.72 -5.76 -7.73
CA VAL B 79 19.66 -6.72 -8.03
C VAL B 79 19.97 -7.45 -9.34
N TYR B 80 19.67 -8.74 -9.39
CA TYR B 80 20.04 -9.56 -10.54
C TYR B 80 18.85 -10.25 -11.22
N LEU B 81 18.96 -10.43 -12.52
CA LEU B 81 17.98 -11.20 -13.28
C LEU B 81 18.67 -12.31 -14.09
N GLN B 82 18.49 -13.55 -13.66
CA GLN B 82 19.05 -14.70 -14.33
C GLN B 82 18.06 -15.25 -15.36
N MET B 83 18.42 -15.12 -16.63
CA MET B 83 17.55 -15.51 -17.73
C MET B 83 18.02 -16.79 -18.40
N ASN B 84 17.30 -17.88 -18.16
CA ASN B 84 17.59 -19.18 -18.76
C ASN B 84 16.65 -19.50 -19.90
N SER B 85 17.09 -20.37 -20.81
CA SER B 85 16.24 -20.88 -21.89
C SER B 85 15.57 -19.78 -22.70
N LEU B 86 16.37 -18.83 -23.19
CA LEU B 86 15.84 -17.66 -23.88
C LEU B 86 15.28 -17.98 -25.26
N LYS B 87 14.21 -17.28 -25.65
CA LYS B 87 13.64 -17.41 -26.99
C LYS B 87 13.50 -16.04 -27.65
N PRO B 88 13.38 -16.01 -28.99
CA PRO B 88 13.19 -14.78 -29.75
C PRO B 88 12.13 -13.85 -29.16
N GLU B 89 11.23 -14.40 -28.37
CA GLU B 89 10.19 -13.62 -27.72
C GLU B 89 10.81 -12.67 -26.68
N ASP B 90 12.03 -12.96 -26.24
CA ASP B 90 12.64 -12.23 -25.13
C ASP B 90 13.51 -11.03 -25.55
N THR B 91 13.67 -10.85 -26.86
CA THR B 91 14.40 -9.68 -27.38
C THR B 91 13.72 -8.40 -26.92
N ALA B 92 14.44 -7.59 -26.14
CA ALA B 92 13.86 -6.38 -25.58
C ALA B 92 14.91 -5.49 -24.94
N VAL B 93 14.51 -4.27 -24.60
CA VAL B 93 15.35 -3.40 -23.78
C VAL B 93 14.98 -3.59 -22.31
N TYR B 94 15.91 -4.09 -21.52
CA TYR B 94 15.61 -4.43 -20.14
C TYR B 94 15.96 -3.31 -19.18
N TYR B 95 14.99 -2.93 -18.36
CA TYR B 95 15.13 -1.85 -17.40
C TYR B 95 15.04 -2.37 -15.97
N CYS B 96 16.09 -2.19 -15.17
CA CYS B 96 15.92 -2.47 -13.75
C CYS B 96 15.13 -1.32 -13.15
N ALA B 97 14.41 -1.59 -12.08
CA ALA B 97 13.53 -0.58 -11.51
C ALA B 97 13.48 -0.68 -9.98
N ALA B 98 13.11 0.43 -9.35
CA ALA B 98 12.98 0.49 -7.90
C ALA B 98 11.62 1.04 -7.52
N ASP B 99 10.93 0.33 -6.63
CA ASP B 99 9.67 0.82 -6.09
C ASP B 99 9.97 1.73 -4.90
N LEU B 100 10.02 3.03 -5.15
CA LEU B 100 10.44 4.00 -4.14
C LEU B 100 9.29 4.44 -3.24
N ALA B 101 8.25 3.61 -3.14
CA ALA B 101 7.15 3.88 -2.22
C ALA B 101 7.30 3.01 -0.98
N SER B 102 6.74 3.46 0.15
CA SER B 102 6.80 2.70 1.39
C SER B 102 5.93 1.45 1.28
N SER B 103 6.02 0.58 2.27
CA SER B 103 5.39 -0.74 2.20
C SER B 103 3.86 -0.69 2.28
N ARG B 104 3.31 0.46 2.63
CA ARG B 104 1.85 0.60 2.70
C ARG B 104 1.30 1.57 1.67
N ASP B 105 2.18 2.09 0.82
CA ASP B 105 1.77 3.05 -0.20
C ASP B 105 1.71 2.43 -1.59
N VAL B 106 0.85 2.98 -2.45
CA VAL B 106 0.76 2.53 -3.82
C VAL B 106 2.12 2.67 -4.49
N SER B 107 2.49 1.69 -5.31
CA SER B 107 3.82 1.62 -5.88
C SER B 107 4.14 2.83 -6.76
N SER B 108 5.39 3.30 -6.66
CA SER B 108 5.88 4.40 -7.47
C SER B 108 7.22 4.01 -8.08
N TRP B 109 7.17 3.50 -9.31
CA TRP B 109 8.34 2.90 -9.94
C TRP B 109 9.30 3.91 -10.57
N TYR B 110 10.59 3.66 -10.40
CA TYR B 110 11.65 4.43 -11.02
C TYR B 110 12.50 3.50 -11.89
N TRP B 111 12.74 3.88 -13.15
CA TRP B 111 13.43 3.01 -14.08
C TRP B 111 14.83 3.51 -14.46
N GLY B 112 15.72 2.57 -14.73
CA GLY B 112 17.02 2.90 -15.27
C GLY B 112 16.91 3.26 -16.75
N GLN B 113 18.04 3.38 -17.43
CA GLN B 113 18.03 3.78 -18.83
C GLN B 113 17.89 2.60 -19.77
N GLY B 114 18.09 1.39 -19.24
CA GLY B 114 17.88 0.18 -20.01
C GLY B 114 19.12 -0.37 -20.69
N THR B 115 19.08 -1.66 -21.00
CA THR B 115 20.17 -2.32 -21.71
C THR B 115 19.60 -3.30 -22.73
N GLN B 116 20.16 -3.31 -23.92
CA GLN B 116 19.63 -4.15 -25.00
C GLN B 116 19.93 -5.62 -24.78
N VAL B 117 18.90 -6.44 -24.94
CA VAL B 117 19.05 -7.90 -24.96
C VAL B 117 18.46 -8.44 -26.25
N THR B 118 19.30 -9.09 -27.05
CA THR B 118 18.90 -9.63 -28.33
C THR B 118 19.15 -11.13 -28.40
N VAL B 119 18.10 -11.88 -28.70
CA VAL B 119 18.19 -13.32 -28.82
C VAL B 119 17.96 -13.78 -30.25
N SER B 120 18.95 -14.49 -30.81
CA SER B 120 18.87 -14.99 -32.17
C SER B 120 17.91 -16.17 -32.26
N SER B 121 17.84 -16.81 -33.42
CA SER B 121 16.98 -17.97 -33.60
C SER B 121 17.67 -19.03 -34.45
#